data_3TE5
#
_entry.id   3TE5
#
_cell.length_a   95.732
_cell.length_b   240.236
_cell.length_c   79.183
_cell.angle_alpha   90.00
_cell.angle_beta   90.00
_cell.angle_gamma   90.00
#
_symmetry.space_group_name_H-M   'C 2 2 21'
#
loop_
_entity.id
_entity.type
_entity.pdbx_description
1 polymer 'Carbon catabolite-derepressing protein kinase'
2 polymer 'SNF1 protein kinase subunit beta-2'
3 polymer 'Nuclear protein SNF4'
4 non-polymer '1,4-DIHYDRONICOTINAMIDE ADENINE DINUCLEOTIDE'
5 water water
#
loop_
_entity_poly.entity_id
_entity_poly.type
_entity_poly.pdbx_seq_one_letter_code
_entity_poly.pdbx_strand_id
1 'polypeptide(L)'
;GPMDQYKEEDSTVSILPTSLPQIHRANMLAQGSPAASKISPLVTKKSKTRWHFGIRSRSYPLDVMGEIYIALKNLGAEWA
KPSEEDLWTIKLRWKYDIGNKTNTNEKIPDLMKMVIQLFQIETNNYLVDFKFDGWESSYGDDTTVSNISEDEMSTFSAYP
FLHLTTKLIMELAVNSQSN
;
A
2 'polypeptide(L)'
;MEYTTDIPAVFTDPSVMERYYYTLDRQQSNTDTSWLTPPQLPPQLENVILNKYYATQDQFNENNSGALPIPNHVVLNHLV
TSSIKHNTLCVASIVRYKQKYVTQILYTPIESS
;
B
3 'polypeptide(L)'
;MAKPTQDSQEKVSIEQQLAVESIRKFLNSKTSYDVLPVSYRLIVLDTSLLVKKSLNVLLQNSIVSAPLWDSKTSRFAGLL
TTTDFINVIQYYFSNPDKFELVDKLQLDGLKDIERALGVDQLDTASIHPSRPLFEACLKMLESRSGRIPLIDQDEETHRE
IVVSVLTQYRILKFVALNCRETHFLKIPIGDLNIITQDNMKSCQMTTPVIDVIQMLTQGRVSSVPIIDENGYLINVYEAY
DVLGLIKGGIYNDLSLSVGEALMRRSDDFEGVYTCTKNDKLSTIMDNIRKARVHRFFVVDDVGRLVGVLTLSDILKYILL
GSN
;
C
#
loop_
_chem_comp.id
_chem_comp.type
_chem_comp.name
_chem_comp.formula
NAI non-polymer '1,4-DIHYDRONICOTINAMIDE ADENINE DINUCLEOTIDE' 'C21 H29 N7 O14 P2'
#
# COMPACT_ATOMS: atom_id res chain seq x y z
N ASP A 10 16.69 28.57 18.78
CA ASP A 10 15.69 29.03 17.78
C ASP A 10 14.52 28.04 17.69
N SER A 11 14.80 26.84 17.18
CA SER A 11 13.79 25.81 16.97
C SER A 11 13.19 25.29 18.28
N THR A 12 11.88 25.39 18.39
CA THR A 12 11.16 24.78 19.51
C THR A 12 10.34 23.56 19.06
N VAL A 13 10.83 22.88 18.02
CA VAL A 13 10.24 21.64 17.52
C VAL A 13 10.89 20.44 18.21
N SER A 14 10.09 19.69 18.96
CA SER A 14 10.59 18.58 19.75
C SER A 14 9.75 17.32 19.55
N ILE A 15 10.32 16.18 19.92
CA ILE A 15 9.54 14.97 20.07
C ILE A 15 9.12 14.89 21.54
N LEU A 16 7.82 14.80 21.78
CA LEU A 16 7.28 14.73 23.14
C LEU A 16 7.79 13.45 23.83
N PRO A 17 8.62 13.60 24.87
CA PRO A 17 9.25 12.43 25.51
C PRO A 17 8.24 11.40 26.06
N THR A 18 7.15 11.88 26.66
CA THR A 18 6.13 10.98 27.22
C THR A 18 5.33 10.21 26.16
N SER A 19 5.51 10.60 24.89
CA SER A 19 4.84 9.93 23.77
C SER A 19 5.60 8.68 23.35
N LEU A 20 6.88 8.62 23.69
CA LEU A 20 7.71 7.46 23.37
C LEU A 20 7.33 6.26 24.22
N PRO A 21 7.26 5.07 23.60
CA PRO A 21 6.81 3.84 24.26
C PRO A 21 7.47 3.55 25.61
N GLN A 22 8.78 3.76 25.69
CA GLN A 22 9.56 3.43 26.90
C GLN A 22 9.23 4.33 28.09
N ILE A 23 8.91 5.59 27.81
CA ILE A 23 8.53 6.51 28.88
C ILE A 23 7.07 6.35 29.26
N HIS A 24 6.22 6.08 28.26
CA HIS A 24 4.80 5.89 28.48
C HIS A 24 4.56 4.67 29.36
N ARG A 25 5.19 3.57 28.98
CA ARG A 25 5.16 2.32 29.75
C ARG A 25 5.61 2.55 31.19
N ALA A 26 6.78 3.17 31.33
CA ALA A 26 7.39 3.38 32.66
C ALA A 26 6.52 4.23 33.57
N ASN A 27 5.83 5.23 33.00
CA ASN A 27 4.90 6.06 33.75
C ASN A 27 3.66 5.28 34.18
N MET A 28 3.19 4.40 33.28
CA MET A 28 2.05 3.53 33.56
C MET A 28 2.38 2.51 34.65
N LEU A 29 3.60 1.97 34.62
CA LEU A 29 4.07 1.06 35.67
C LEU A 29 4.20 1.75 37.02
N ALA A 30 4.74 2.97 37.02
CA ALA A 30 4.89 3.76 38.25
C ALA A 30 3.54 4.17 38.84
N GLN A 31 2.55 4.40 37.98
CA GLN A 31 1.17 4.67 38.40
C GLN A 31 0.48 3.44 38.97
N GLY A 32 1.16 2.29 38.85
CA GLY A 32 0.70 1.05 39.47
C GLY A 32 -0.19 0.19 38.60
N SER A 33 -0.56 0.72 37.43
CA SER A 33 -1.47 0.04 36.50
C SER A 33 -1.11 -1.43 36.32
N PRO A 34 -2.11 -2.33 36.47
CA PRO A 34 -1.92 -3.78 36.34
C PRO A 34 -1.64 -4.21 34.90
N ALA A 35 -2.19 -3.47 33.94
CA ALA A 35 -2.06 -3.78 32.52
C ALA A 35 -0.68 -3.44 31.96
N ALA A 36 0.12 -2.72 32.75
CA ALA A 36 1.46 -2.31 32.36
C ALA A 36 2.40 -3.50 32.11
N SER A 37 2.31 -4.51 32.97
CA SER A 37 3.13 -5.71 32.86
C SER A 37 2.51 -6.73 31.92
N LYS A 38 1.17 -6.77 31.88
CA LYS A 38 0.43 -7.71 31.04
C LYS A 38 0.58 -7.38 29.56
N ILE A 39 0.35 -6.12 29.20
CA ILE A 39 0.36 -5.71 27.79
C ILE A 39 1.78 -5.52 27.27
N SER A 40 2.12 -6.33 26.26
CA SER A 40 3.39 -6.23 25.58
C SER A 40 3.22 -5.49 24.24
N PRO A 41 4.26 -4.72 23.83
CA PRO A 41 4.19 -3.99 22.57
C PRO A 41 4.09 -4.93 21.38
N LEU A 42 3.29 -4.55 20.38
CA LEU A 42 3.13 -5.36 19.18
C LEU A 42 4.43 -5.39 18.39
N VAL A 43 4.99 -6.59 18.27
CA VAL A 43 6.21 -6.80 17.50
C VAL A 43 5.84 -7.40 16.15
N THR A 44 5.79 -6.54 15.13
CA THR A 44 5.47 -6.96 13.77
C THR A 44 6.74 -7.42 13.08
N LYS A 45 6.90 -8.74 12.97
CA LYS A 45 8.06 -9.33 12.31
C LYS A 45 7.88 -9.21 10.80
N LYS A 46 8.36 -8.08 10.27
CA LYS A 46 8.33 -7.83 8.84
C LYS A 46 9.38 -8.68 8.14
N SER A 47 9.01 -9.93 7.85
CA SER A 47 9.91 -10.89 7.21
C SER A 47 9.94 -10.69 5.71
N LYS A 48 11.14 -10.52 5.17
CA LYS A 48 11.35 -10.35 3.73
C LYS A 48 10.88 -11.60 2.99
N THR A 49 9.96 -11.39 2.04
CA THR A 49 9.41 -12.46 1.23
C THR A 49 10.36 -12.74 0.07
N ARG A 50 10.55 -14.02 -0.25
CA ARG A 50 11.33 -14.41 -1.42
C ARG A 50 10.42 -14.46 -2.65
N TRP A 51 10.78 -13.69 -3.67
CA TRP A 51 9.99 -13.59 -4.90
C TRP A 51 10.63 -14.37 -6.03
N HIS A 52 9.78 -14.98 -6.85
CA HIS A 52 10.22 -15.74 -8.02
C HIS A 52 9.34 -15.34 -9.19
N PHE A 53 9.92 -15.35 -10.39
CA PHE A 53 9.10 -15.28 -11.60
C PHE A 53 8.43 -16.63 -11.80
N GLY A 54 7.13 -16.60 -12.06
CA GLY A 54 6.32 -17.80 -12.25
C GLY A 54 6.41 -18.85 -11.16
N ILE A 55 6.12 -20.09 -11.53
CA ILE A 55 6.19 -21.22 -10.61
C ILE A 55 7.21 -22.25 -11.07
N ARG A 56 7.85 -22.91 -10.11
CA ARG A 56 8.84 -23.93 -10.42
C ARG A 56 8.21 -25.33 -10.40
N SER A 57 8.81 -26.26 -11.11
CA SER A 57 8.32 -27.63 -11.16
C SER A 57 9.45 -28.66 -11.21
N ARG A 58 9.27 -29.75 -10.47
CA ARG A 58 10.24 -30.84 -10.41
C ARG A 58 9.99 -31.94 -11.45
N SER A 59 8.78 -31.95 -12.02
CA SER A 59 8.45 -32.88 -13.10
C SER A 59 9.21 -32.54 -14.38
N TYR A 60 8.97 -33.31 -15.44
CA TYR A 60 9.72 -33.14 -16.68
C TYR A 60 8.88 -32.48 -17.79
N PRO A 61 9.55 -31.92 -18.82
CA PRO A 61 8.93 -31.02 -19.80
C PRO A 61 7.52 -31.40 -20.30
N LEU A 62 7.41 -32.56 -20.95
CA LEU A 62 6.13 -33.01 -21.53
C LEU A 62 5.06 -33.23 -20.47
N ASP A 63 5.49 -33.75 -19.33
CA ASP A 63 4.61 -33.95 -18.18
C ASP A 63 4.07 -32.60 -17.69
N VAL A 64 4.98 -31.65 -17.46
CA VAL A 64 4.62 -30.31 -17.03
C VAL A 64 3.69 -29.62 -18.05
N MET A 65 4.07 -29.68 -19.32
CA MET A 65 3.28 -29.07 -20.39
C MET A 65 1.90 -29.72 -20.49
N GLY A 66 1.85 -31.02 -20.23
CA GLY A 66 0.59 -31.76 -20.16
C GLY A 66 -0.30 -31.24 -19.06
N GLU A 67 0.26 -31.10 -17.87
CA GLU A 67 -0.45 -30.57 -16.70
C GLU A 67 -1.06 -29.18 -16.96
N ILE A 68 -0.28 -28.29 -17.59
CA ILE A 68 -0.71 -26.92 -17.85
C ILE A 68 -1.93 -26.88 -18.78
N TYR A 69 -1.86 -27.62 -19.89
CA TYR A 69 -2.95 -27.68 -20.86
C TYR A 69 -4.26 -28.20 -20.28
N ILE A 70 -4.16 -29.23 -19.43
CA ILE A 70 -5.33 -29.78 -18.74
C ILE A 70 -5.99 -28.70 -17.87
N ALA A 71 -5.18 -27.96 -17.12
CA ALA A 71 -5.67 -26.85 -16.31
C ALA A 71 -6.36 -25.80 -17.18
N LEU A 72 -5.68 -25.37 -18.24
CA LEU A 72 -6.22 -24.43 -19.22
C LEU A 72 -7.59 -24.86 -19.75
N LYS A 73 -7.69 -26.12 -20.13
CA LYS A 73 -8.92 -26.66 -20.72
C LYS A 73 -10.07 -26.70 -19.71
N ASN A 74 -9.78 -27.14 -18.49
CA ASN A 74 -10.80 -27.17 -17.44
C ASN A 74 -11.24 -25.78 -17.02
N LEU A 75 -10.36 -24.79 -17.22
CA LEU A 75 -10.65 -23.40 -16.88
C LEU A 75 -11.32 -22.64 -18.02
N GLY A 76 -11.46 -23.30 -19.18
CA GLY A 76 -12.21 -22.74 -20.30
C GLY A 76 -11.43 -21.86 -21.25
N ALA A 77 -10.11 -22.05 -21.30
CA ALA A 77 -9.24 -21.28 -22.19
C ALA A 77 -9.02 -21.97 -23.54
N GLU A 78 -8.61 -21.19 -24.53
CA GLU A 78 -8.23 -21.70 -25.85
C GLU A 78 -6.80 -21.28 -26.17
N TRP A 79 -6.18 -21.94 -27.14
CA TRP A 79 -4.77 -21.70 -27.48
C TRP A 79 -4.46 -22.00 -28.94
N ALA A 80 -3.33 -21.48 -29.41
CA ALA A 80 -2.87 -21.72 -30.78
C ALA A 80 -2.22 -23.10 -30.91
N LYS A 81 -2.10 -23.56 -32.15
CA LYS A 81 -1.36 -24.79 -32.47
C LYS A 81 0.13 -24.45 -32.58
N PRO A 82 0.97 -25.05 -31.71
CA PRO A 82 2.40 -24.76 -31.71
C PRO A 82 3.17 -25.51 -32.80
N SER A 83 4.22 -24.89 -33.30
CA SER A 83 5.09 -25.49 -34.29
C SER A 83 6.24 -26.21 -33.62
N GLU A 84 7.11 -26.83 -34.41
CA GLU A 84 8.25 -27.58 -33.89
C GLU A 84 9.24 -26.69 -33.17
N GLU A 85 9.44 -25.47 -33.67
CA GLU A 85 10.43 -24.54 -33.11
C GLU A 85 10.02 -23.92 -31.76
N ASP A 86 8.74 -24.03 -31.41
CA ASP A 86 8.23 -23.38 -30.20
C ASP A 86 7.29 -24.28 -29.38
N LEU A 87 7.69 -25.54 -29.18
CA LEU A 87 6.87 -26.53 -28.48
C LEU A 87 6.55 -26.14 -27.02
N TRP A 88 7.49 -25.45 -26.39
CA TRP A 88 7.41 -25.12 -24.97
C TRP A 88 6.82 -23.72 -24.75
N THR A 89 6.13 -23.21 -25.77
CA THR A 89 5.48 -21.92 -25.73
C THR A 89 3.99 -22.15 -25.93
N ILE A 90 3.17 -21.60 -25.03
CA ILE A 90 1.72 -21.64 -25.18
C ILE A 90 1.20 -20.24 -25.43
N LYS A 91 0.65 -20.03 -26.63
CA LYS A 91 0.00 -18.78 -26.99
C LYS A 91 -1.48 -19.00 -26.81
N LEU A 92 -2.01 -18.52 -25.68
CA LEU A 92 -3.37 -18.83 -25.29
C LEU A 92 -4.27 -17.60 -25.24
N ARG A 93 -5.58 -17.87 -25.16
CA ARG A 93 -6.59 -16.85 -25.11
C ARG A 93 -7.65 -17.29 -24.09
N TRP A 94 -8.11 -16.35 -23.28
CA TRP A 94 -8.96 -16.67 -22.15
C TRP A 94 -10.14 -15.69 -22.07
N LYS A 95 -11.35 -16.24 -22.07
CA LYS A 95 -12.59 -15.47 -22.12
C LYS A 95 -12.69 -14.41 -21.02
N TYR A 96 -12.37 -14.80 -19.78
CA TYR A 96 -12.53 -13.95 -18.60
C TYR A 96 -14.01 -13.70 -18.31
N ILE A 108 -15.13 -2.65 -26.35
CA ILE A 108 -14.57 -3.34 -25.18
C ILE A 108 -14.05 -4.74 -25.54
N PRO A 109 -12.72 -4.91 -25.58
CA PRO A 109 -12.10 -6.20 -25.88
C PRO A 109 -12.48 -7.28 -24.85
N ASP A 110 -12.65 -8.50 -25.32
CA ASP A 110 -13.27 -9.56 -24.53
C ASP A 110 -12.29 -10.66 -24.09
N LEU A 111 -11.32 -10.96 -24.95
CA LEU A 111 -10.44 -12.10 -24.72
C LEU A 111 -9.05 -11.67 -24.29
N MET A 112 -8.58 -12.19 -23.16
CA MET A 112 -7.24 -11.90 -22.68
C MET A 112 -6.23 -12.87 -23.29
N LYS A 113 -5.09 -12.34 -23.73
CA LYS A 113 -4.02 -13.14 -24.30
C LYS A 113 -2.90 -13.35 -23.29
N MET A 114 -2.40 -14.58 -23.23
CA MET A 114 -1.27 -14.92 -22.39
C MET A 114 -0.26 -15.73 -23.17
N VAL A 115 1.01 -15.55 -22.83
CA VAL A 115 2.06 -16.41 -23.36
C VAL A 115 2.74 -17.12 -22.21
N ILE A 116 2.57 -18.45 -22.16
CA ILE A 116 3.24 -19.27 -21.17
C ILE A 116 4.47 -19.92 -21.78
N GLN A 117 5.58 -19.87 -21.06
CA GLN A 117 6.85 -20.41 -21.54
C GLN A 117 7.51 -21.30 -20.49
N LEU A 118 8.02 -22.44 -20.93
CA LEU A 118 8.76 -23.34 -20.06
C LEU A 118 10.26 -23.10 -20.23
N PHE A 119 10.94 -22.85 -19.11
CA PHE A 119 12.39 -22.70 -19.11
C PHE A 119 13.02 -23.80 -18.28
N GLN A 120 14.28 -24.12 -18.58
CA GLN A 120 15.03 -25.08 -17.79
C GLN A 120 15.99 -24.36 -16.85
N ILE A 121 15.95 -24.74 -15.57
CA ILE A 121 16.90 -24.22 -14.59
C ILE A 121 18.00 -25.27 -14.39
N GLU A 122 17.59 -26.48 -14.05
CA GLU A 122 18.47 -27.63 -13.96
C GLU A 122 17.78 -28.83 -14.62
N THR A 123 18.47 -29.97 -14.67
CA THR A 123 17.96 -31.17 -15.37
C THR A 123 16.61 -31.63 -14.80
N ASN A 124 16.42 -31.39 -13.51
CA ASN A 124 15.20 -31.80 -12.81
C ASN A 124 14.38 -30.58 -12.35
N ASN A 125 14.88 -29.39 -12.67
CA ASN A 125 14.25 -28.15 -12.23
C ASN A 125 13.80 -27.25 -13.39
N TYR A 126 12.50 -26.99 -13.45
CA TYR A 126 11.93 -26.18 -14.53
C TYR A 126 11.07 -25.02 -14.02
N LEU A 127 11.02 -23.95 -14.79
CA LEU A 127 10.24 -22.78 -14.44
C LEU A 127 9.14 -22.53 -15.46
N VAL A 128 7.92 -22.31 -14.96
CA VAL A 128 6.79 -21.96 -15.81
C VAL A 128 6.59 -20.45 -15.76
N ASP A 129 6.92 -19.79 -16.87
CA ASP A 129 6.84 -18.35 -16.99
C ASP A 129 5.52 -17.91 -17.62
N PHE A 130 4.86 -16.96 -16.97
CA PHE A 130 3.58 -16.44 -17.44
C PHE A 130 3.74 -15.00 -17.87
N LYS A 131 3.23 -14.68 -19.05
CA LYS A 131 3.36 -13.33 -19.60
C LYS A 131 2.01 -12.83 -20.12
N PHE A 132 1.61 -11.65 -19.66
CA PHE A 132 0.44 -10.97 -20.20
C PHE A 132 0.75 -10.49 -21.61
N ASP A 133 -0.18 -10.75 -22.53
CA ASP A 133 0.08 -10.49 -23.95
C ASP A 133 -0.90 -9.51 -24.60
N GLY A 134 -1.99 -9.21 -23.90
CA GLY A 134 -2.92 -8.19 -24.39
C GLY A 134 -4.38 -8.60 -24.40
N TRP A 135 -5.18 -7.88 -25.18
CA TRP A 135 -6.61 -8.12 -25.29
C TRP A 135 -7.06 -8.21 -26.75
N GLU A 136 -8.13 -8.98 -26.98
CA GLU A 136 -8.73 -9.10 -28.31
C GLU A 136 -10.26 -9.14 -28.26
N SER A 137 -10.89 -8.68 -29.34
CA SER A 137 -12.35 -8.65 -29.46
C SER A 137 -12.90 -10.03 -29.84
N PHE A 156 -1.39 0.47 -18.16
CA PHE A 156 -2.44 -0.53 -18.17
C PHE A 156 -2.45 -1.38 -16.88
N SER A 157 -3.59 -2.02 -16.62
CA SER A 157 -3.80 -2.79 -15.40
C SER A 157 -3.55 -4.27 -15.59
N ALA A 158 -2.76 -4.83 -14.68
CA ALA A 158 -2.38 -6.24 -14.71
C ALA A 158 -3.28 -7.12 -13.83
N TYR A 159 -4.23 -6.51 -13.14
CA TYR A 159 -5.03 -7.25 -12.15
C TYR A 159 -5.94 -8.35 -12.72
N PRO A 160 -6.58 -8.11 -13.88
CA PRO A 160 -7.31 -9.20 -14.52
C PRO A 160 -6.37 -10.37 -14.83
N PHE A 161 -5.17 -10.04 -15.31
CA PHE A 161 -4.15 -11.04 -15.61
C PHE A 161 -3.71 -11.76 -14.33
N LEU A 162 -3.46 -10.99 -13.28
CA LEU A 162 -3.01 -11.55 -11.99
C LEU A 162 -4.06 -12.47 -11.37
N HIS A 163 -5.33 -12.08 -11.49
CA HIS A 163 -6.43 -12.85 -10.95
C HIS A 163 -6.60 -14.17 -11.70
N LEU A 164 -6.43 -14.14 -13.01
CA LEU A 164 -6.53 -15.33 -13.84
C LEU A 164 -5.39 -16.30 -13.58
N THR A 165 -4.16 -15.79 -13.49
CA THR A 165 -3.02 -16.66 -13.19
C THR A 165 -3.23 -17.32 -11.83
N THR A 166 -3.83 -16.57 -10.91
CA THR A 166 -4.25 -17.10 -9.61
C THR A 166 -5.14 -18.34 -9.78
N LYS A 167 -6.15 -18.24 -10.63
CA LYS A 167 -7.02 -19.37 -10.93
C LYS A 167 -6.21 -20.53 -11.50
N LEU A 168 -5.31 -20.21 -12.41
CA LEU A 168 -4.47 -21.19 -13.08
C LEU A 168 -3.51 -21.88 -12.12
N ILE A 169 -2.82 -21.10 -11.29
CA ILE A 169 -1.89 -21.65 -10.29
C ILE A 169 -2.60 -22.61 -9.33
N MET A 170 -3.82 -22.22 -8.93
CA MET A 170 -4.60 -23.02 -8.00
C MET A 170 -5.09 -24.32 -8.62
N GLU A 171 -5.47 -24.28 -9.89
CA GLU A 171 -5.90 -25.46 -10.62
C GLU A 171 -4.75 -26.46 -10.77
N LEU A 172 -3.55 -25.94 -11.01
CA LEU A 172 -2.35 -26.76 -11.16
C LEU A 172 -1.91 -27.44 -9.86
N ALA A 173 -2.19 -26.79 -8.74
CA ALA A 173 -1.81 -27.31 -7.43
C ALA A 173 -2.72 -28.46 -6.97
N VAL A 174 -3.99 -28.37 -7.34
CA VAL A 174 -4.97 -29.42 -7.06
C VAL A 174 -4.62 -30.69 -7.83
N ASN A 175 -4.39 -30.54 -9.13
CA ASN A 175 -4.08 -31.66 -10.03
C ASN A 175 -2.71 -32.31 -9.77
N SER A 176 -2.11 -32.00 -8.62
CA SER A 176 -0.84 -32.60 -8.21
C SER A 176 -1.03 -33.48 -6.96
N MET B 1 -3.67 -16.09 -36.08
CA MET B 1 -3.61 -17.52 -35.66
C MET B 1 -5.01 -18.08 -35.43
N GLU B 2 -5.14 -19.40 -35.58
CA GLU B 2 -6.39 -20.10 -35.28
C GLU B 2 -6.36 -20.67 -33.86
N TYR B 3 -7.45 -20.46 -33.12
CA TYR B 3 -7.53 -20.89 -31.72
C TYR B 3 -8.52 -22.02 -31.52
N THR B 4 -8.12 -23.03 -30.75
CA THR B 4 -8.99 -24.15 -30.39
C THR B 4 -8.61 -24.76 -29.03
N THR B 5 -9.51 -25.59 -28.50
CA THR B 5 -9.34 -26.20 -27.17
C THR B 5 -8.75 -27.61 -27.24
N ASP B 6 -8.15 -27.94 -28.39
CA ASP B 6 -7.55 -29.25 -28.59
C ASP B 6 -6.07 -29.25 -28.19
N ILE B 7 -5.76 -30.01 -27.14
CA ILE B 7 -4.39 -30.12 -26.63
C ILE B 7 -3.47 -30.70 -27.71
N PRO B 8 -2.36 -29.99 -28.01
CA PRO B 8 -1.36 -30.46 -28.98
C PRO B 8 -0.96 -31.92 -28.70
N ALA B 9 -0.99 -32.73 -29.76
CA ALA B 9 -0.79 -34.18 -29.67
C ALA B 9 0.53 -34.59 -29.01
N VAL B 10 1.56 -33.77 -29.19
CA VAL B 10 2.89 -34.00 -28.59
C VAL B 10 2.87 -34.21 -27.07
N PHE B 11 1.85 -33.67 -26.40
CA PHE B 11 1.73 -33.81 -24.94
C PHE B 11 0.71 -34.88 -24.52
N THR B 12 0.02 -35.48 -25.48
CA THR B 12 -1.00 -36.50 -25.19
C THR B 12 -0.72 -37.85 -25.86
N ASP B 13 0.09 -37.83 -26.91
CA ASP B 13 0.39 -39.02 -27.70
C ASP B 13 1.90 -39.20 -27.83
N PRO B 14 2.44 -40.27 -27.21
CA PRO B 14 3.88 -40.55 -27.20
C PRO B 14 4.50 -40.71 -28.59
N SER B 15 3.66 -41.00 -29.59
CA SER B 15 4.13 -41.20 -30.96
C SER B 15 4.76 -39.96 -31.55
N VAL B 16 4.23 -38.80 -31.17
CA VAL B 16 4.63 -37.51 -31.76
C VAL B 16 6.06 -37.12 -31.40
N MET B 17 6.40 -37.13 -30.11
CA MET B 17 7.76 -36.82 -29.67
C MET B 17 8.75 -37.92 -30.08
N GLU B 18 8.25 -39.14 -30.22
CA GLU B 18 9.05 -40.26 -30.71
C GLU B 18 9.53 -40.00 -32.13
N ARG B 19 8.62 -39.56 -33.00
CA ARG B 19 8.96 -39.20 -34.37
C ARG B 19 10.05 -38.13 -34.44
N TYR B 20 9.94 -37.11 -33.60
CA TYR B 20 10.94 -36.05 -33.53
C TYR B 20 12.32 -36.59 -33.16
N TYR B 21 12.39 -37.40 -32.09
CA TYR B 21 13.64 -38.01 -31.65
C TYR B 21 14.32 -38.80 -32.77
N TYR B 22 13.52 -39.55 -33.53
CA TYR B 22 14.04 -40.50 -34.51
C TYR B 22 14.39 -39.90 -35.88
N THR B 23 13.54 -39.00 -36.39
CA THR B 23 13.80 -38.37 -37.69
C THR B 23 15.04 -37.47 -37.64
N LEU B 24 16.10 -37.92 -38.32
CA LEU B 24 17.40 -37.26 -38.34
C LEU B 24 17.34 -35.74 -38.50
N THR B 33 19.66 -31.19 -31.58
CA THR B 33 19.68 -29.74 -31.48
C THR B 33 18.67 -29.23 -30.42
N SER B 34 18.78 -27.95 -30.07
CA SER B 34 18.16 -27.37 -28.87
C SER B 34 16.62 -27.45 -28.75
N TRP B 35 15.91 -27.52 -29.87
CA TRP B 35 14.44 -27.41 -29.87
C TRP B 35 13.67 -28.59 -29.23
N LEU B 36 14.36 -29.71 -29.01
CA LEU B 36 13.72 -30.89 -28.41
C LEU B 36 13.61 -30.74 -26.89
N THR B 37 14.33 -29.77 -26.34
CA THR B 37 14.31 -29.47 -24.92
C THR B 37 13.98 -27.98 -24.69
N PRO B 38 13.25 -27.67 -23.61
CA PRO B 38 12.97 -26.26 -23.27
C PRO B 38 14.23 -25.42 -23.10
N PRO B 39 14.17 -24.13 -23.53
CA PRO B 39 15.32 -23.22 -23.45
C PRO B 39 15.74 -22.92 -22.01
N GLN B 40 17.02 -22.64 -21.81
CA GLN B 40 17.53 -22.24 -20.50
C GLN B 40 16.91 -20.93 -20.04
N LEU B 41 16.76 -20.78 -18.72
CA LEU B 41 16.21 -19.56 -18.15
C LEU B 41 17.13 -18.38 -18.40
N PRO B 42 16.58 -17.29 -18.98
CA PRO B 42 17.33 -16.06 -19.21
C PRO B 42 17.82 -15.46 -17.90
N PRO B 43 19.05 -14.91 -17.89
CA PRO B 43 19.65 -14.33 -16.69
C PRO B 43 18.76 -13.26 -16.04
N GLN B 44 17.96 -12.58 -16.85
CA GLN B 44 17.05 -11.53 -16.38
C GLN B 44 15.96 -12.07 -15.45
N LEU B 45 15.51 -13.30 -15.70
CA LEU B 45 14.43 -13.91 -14.93
C LEU B 45 14.93 -14.70 -13.71
N GLU B 46 16.21 -14.53 -13.37
CA GLU B 46 16.76 -15.20 -12.21
C GLU B 46 16.31 -14.53 -10.91
N ASN B 47 15.88 -15.35 -9.95
CA ASN B 47 15.28 -14.86 -8.71
C ASN B 47 16.25 -14.07 -7.82
N VAL B 48 17.55 -14.31 -8.01
CA VAL B 48 18.59 -13.55 -7.30
C VAL B 48 18.64 -12.09 -7.78
N ILE B 49 18.38 -11.89 -9.08
CA ILE B 49 18.30 -10.54 -9.65
C ILE B 49 16.98 -9.86 -9.28
N LEU B 50 15.88 -10.60 -9.35
CA LEU B 50 14.55 -10.09 -9.01
C LEU B 50 14.46 -9.55 -7.57
N ASN B 51 15.14 -10.22 -6.64
CA ASN B 51 15.10 -9.84 -5.22
C ASN B 51 16.13 -8.78 -4.81
N LYS B 52 17.24 -8.68 -5.54
CA LYS B 52 18.16 -7.55 -5.38
C LYS B 52 17.55 -6.30 -6.00
N TYR B 53 16.67 -6.50 -6.98
CA TYR B 53 15.81 -5.46 -7.51
C TYR B 53 14.79 -5.00 -6.46
N TYR B 54 14.36 -5.94 -5.62
CA TYR B 54 13.48 -5.66 -4.48
C TYR B 54 14.24 -5.01 -3.31
N ALA B 55 15.49 -5.43 -3.11
CA ALA B 55 16.30 -4.94 -1.99
C ALA B 55 16.82 -3.50 -2.18
N THR B 56 16.99 -3.10 -3.44
CA THR B 56 17.44 -1.75 -3.79
C THR B 56 16.32 -0.71 -3.61
N GLN B 57 15.08 -1.14 -3.85
CA GLN B 57 13.88 -0.34 -3.54
C GLN B 57 13.71 -0.14 -2.04
N ASP B 58 13.90 -1.22 -1.28
CA ASP B 58 13.82 -1.20 0.18
C ASP B 58 14.98 -0.44 0.80
N GLN B 59 16.14 -0.48 0.14
CA GLN B 59 17.33 0.26 0.57
C GLN B 59 17.18 1.78 0.41
N PHE B 60 16.34 2.20 -0.53
CA PHE B 60 16.13 3.62 -0.80
C PHE B 60 15.08 4.26 0.11
N ASN B 61 14.07 3.48 0.51
CA ASN B 61 12.97 4.00 1.33
C ASN B 61 13.17 3.83 2.84
N GLU B 62 14.15 3.01 3.24
CA GLU B 62 14.43 2.75 4.65
C GLU B 62 15.84 3.18 5.07
N ASN B 63 16.74 3.33 4.10
CA ASN B 63 18.14 3.69 4.36
C ASN B 63 18.68 4.79 3.44
N ASN B 64 18.01 5.01 2.32
CA ASN B 64 18.45 5.96 1.27
C ASN B 64 19.85 5.68 0.70
N SER B 65 19.95 4.62 -0.10
CA SER B 65 21.21 4.22 -0.72
C SER B 65 21.12 4.24 -2.24
N GLY B 66 22.02 4.99 -2.87
CA GLY B 66 22.15 5.05 -4.33
C GLY B 66 20.92 5.53 -5.08
N ALA B 67 20.61 4.85 -6.18
CA ALA B 67 19.44 5.15 -7.00
C ALA B 67 18.42 4.02 -6.94
N LEU B 68 17.20 4.30 -7.40
CA LEU B 68 16.13 3.31 -7.44
C LEU B 68 16.37 2.23 -8.49
N PRO B 69 15.85 1.00 -8.25
CA PRO B 69 16.11 -0.10 -9.18
C PRO B 69 15.19 -0.08 -10.38
N ILE B 70 15.70 0.41 -11.51
CA ILE B 70 15.03 0.26 -12.79
C ILE B 70 14.98 -1.23 -13.12
N PRO B 71 13.80 -1.75 -13.48
CA PRO B 71 13.73 -3.14 -13.91
C PRO B 71 14.27 -3.30 -15.32
N ASN B 72 14.86 -4.46 -15.61
CA ASN B 72 15.20 -4.81 -16.97
C ASN B 72 13.90 -4.98 -17.75
N HIS B 73 13.86 -4.44 -18.96
CA HIS B 73 12.63 -4.40 -19.76
C HIS B 73 12.11 -5.80 -20.14
N VAL B 74 12.98 -6.80 -20.00
CA VAL B 74 12.65 -8.20 -20.30
C VAL B 74 11.56 -8.73 -19.36
N VAL B 75 11.61 -8.33 -18.09
CA VAL B 75 10.73 -8.88 -17.05
C VAL B 75 9.34 -8.24 -17.00
N LEU B 76 9.13 -7.18 -17.79
CA LEU B 76 7.86 -6.48 -17.80
C LEU B 76 6.70 -7.38 -18.23
N ASN B 77 5.59 -7.28 -17.50
CA ASN B 77 4.37 -8.06 -17.75
C ASN B 77 4.51 -9.58 -17.51
N HIS B 78 5.57 -9.97 -16.80
CA HIS B 78 5.74 -11.36 -16.36
C HIS B 78 5.25 -11.55 -14.93
N LEU B 79 4.58 -12.67 -14.69
CA LEU B 79 4.06 -13.00 -13.36
C LEU B 79 5.17 -13.20 -12.33
N VAL B 80 4.99 -12.56 -11.17
CA VAL B 80 5.84 -12.79 -10.01
C VAL B 80 5.00 -13.48 -8.94
N THR B 81 5.60 -14.45 -8.26
CA THR B 81 4.90 -15.17 -7.19
C THR B 81 5.74 -15.24 -5.94
N SER B 82 5.13 -15.74 -4.89
CA SER B 82 5.80 -16.05 -3.64
C SER B 82 5.08 -17.24 -3.02
N SER B 83 5.59 -17.75 -1.91
CA SER B 83 4.94 -18.87 -1.21
C SER B 83 3.59 -18.48 -0.65
N ILE B 84 2.62 -19.38 -0.79
CA ILE B 84 1.31 -19.23 -0.15
C ILE B 84 1.51 -19.05 1.35
N LYS B 85 0.89 -18.00 1.89
CA LYS B 85 0.96 -17.74 3.31
C LYS B 85 -0.46 -17.44 3.80
N HIS B 86 -0.84 -18.05 4.92
CA HIS B 86 -2.16 -17.86 5.53
C HIS B 86 -3.30 -17.98 4.53
N ASN B 87 -3.25 -19.03 3.71
CA ASN B 87 -4.23 -19.28 2.65
C ASN B 87 -4.44 -18.11 1.68
N THR B 88 -3.44 -17.23 1.62
CA THR B 88 -3.50 -16.07 0.75
C THR B 88 -2.44 -16.20 -0.33
N LEU B 89 -2.86 -16.00 -1.57
CA LEU B 89 -1.95 -15.96 -2.69
C LEU B 89 -1.47 -14.52 -2.89
N CYS B 90 -0.18 -14.38 -3.19
CA CYS B 90 0.41 -13.09 -3.44
C CYS B 90 1.17 -13.11 -4.75
N VAL B 91 0.54 -12.55 -5.78
CA VAL B 91 1.14 -12.46 -7.10
C VAL B 91 1.42 -11.01 -7.47
N ALA B 92 2.30 -10.81 -8.44
CA ALA B 92 2.69 -9.48 -8.87
C ALA B 92 3.10 -9.45 -10.33
N SER B 93 3.02 -8.27 -10.93
CA SER B 93 3.60 -8.04 -12.24
C SER B 93 4.19 -6.64 -12.33
N ILE B 94 5.43 -6.58 -12.78
CA ILE B 94 6.11 -5.31 -13.02
C ILE B 94 5.63 -4.79 -14.37
N VAL B 95 4.95 -3.64 -14.33
CA VAL B 95 4.41 -3.05 -15.56
C VAL B 95 4.87 -1.61 -15.76
N ARG B 96 4.74 -1.16 -17.00
CA ARG B 96 5.15 0.16 -17.43
C ARG B 96 4.03 1.18 -17.19
N TYR B 97 4.36 2.29 -16.55
CA TYR B 97 3.49 3.46 -16.58
C TYR B 97 4.26 4.70 -17.05
N LYS B 98 4.02 5.07 -18.30
CA LYS B 98 4.78 6.12 -19.01
C LYS B 98 6.27 5.78 -18.96
N GLN B 99 7.03 6.54 -18.19
CA GLN B 99 8.46 6.34 -18.02
C GLN B 99 8.78 5.72 -16.65
N LYS B 100 7.75 5.51 -15.84
CA LYS B 100 7.91 4.89 -14.53
C LYS B 100 7.53 3.40 -14.58
N TYR B 101 7.82 2.69 -13.49
CA TYR B 101 7.57 1.25 -13.41
C TYR B 101 6.83 0.90 -12.14
N VAL B 102 5.69 0.25 -12.29
CA VAL B 102 4.84 -0.13 -11.17
C VAL B 102 4.84 -1.63 -10.98
N THR B 103 5.32 -2.08 -9.83
CA THR B 103 5.14 -3.46 -9.44
C THR B 103 3.75 -3.61 -8.83
N GLN B 104 2.81 -4.11 -9.64
CA GLN B 104 1.42 -4.28 -9.23
C GLN B 104 1.23 -5.61 -8.48
N ILE B 105 0.96 -5.49 -7.18
CA ILE B 105 0.87 -6.64 -6.28
C ILE B 105 -0.59 -6.92 -5.91
N LEU B 106 -0.98 -8.18 -5.97
CA LEU B 106 -2.35 -8.60 -5.62
C LEU B 106 -2.36 -9.67 -4.54
N TYR B 107 -3.13 -9.41 -3.49
CA TYR B 107 -3.42 -10.40 -2.46
C TYR B 107 -4.84 -10.92 -2.66
N THR B 108 -4.96 -12.23 -2.85
CA THR B 108 -6.25 -12.90 -3.05
C THR B 108 -6.32 -14.12 -2.15
N PRO B 109 -7.52 -14.42 -1.61
CA PRO B 109 -7.56 -15.63 -0.80
C PRO B 109 -7.71 -16.89 -1.66
N ILE B 110 -7.24 -18.01 -1.13
CA ILE B 110 -7.59 -19.32 -1.67
C ILE B 110 -8.94 -19.69 -1.07
N GLU B 111 -9.97 -19.70 -1.90
CA GLU B 111 -11.32 -19.94 -1.40
C GLU B 111 -11.69 -21.42 -1.46
N ASP C 7 11.05 47.42 9.02
CA ASP C 7 11.96 47.17 7.87
C ASP C 7 12.43 45.71 7.81
N SER C 8 12.88 45.17 8.94
CA SER C 8 13.31 43.78 9.03
C SER C 8 12.11 42.82 9.02
N GLN C 9 10.99 43.28 9.56
CA GLN C 9 9.74 42.54 9.54
C GLN C 9 9.06 42.63 8.17
N GLU C 10 9.31 43.74 7.46
CA GLU C 10 8.82 43.91 6.10
C GLU C 10 9.62 43.02 5.15
N LYS C 11 10.90 42.85 5.45
CA LYS C 11 11.79 41.99 4.69
C LYS C 11 11.42 40.52 4.88
N VAL C 12 11.22 40.11 6.13
CA VAL C 12 10.78 38.75 6.45
C VAL C 12 9.49 38.43 5.69
N SER C 13 8.56 39.40 5.68
CA SER C 13 7.27 39.26 5.02
C SER C 13 7.37 39.09 3.51
N ILE C 14 8.25 39.85 2.86
CA ILE C 14 8.39 39.75 1.40
C ILE C 14 9.08 38.46 0.95
N GLU C 15 10.01 37.96 1.76
CA GLU C 15 10.72 36.73 1.43
C GLU C 15 9.80 35.52 1.63
N GLN C 16 8.90 35.62 2.59
CA GLN C 16 7.86 34.62 2.78
C GLN C 16 6.95 34.54 1.58
N GLN C 17 6.42 35.68 1.16
CA GLN C 17 5.61 35.74 -0.06
C GLN C 17 6.38 35.18 -1.26
N LEU C 18 7.65 35.56 -1.35
CA LEU C 18 8.56 35.08 -2.39
C LEU C 18 8.70 33.56 -2.35
N ALA C 19 8.92 33.02 -1.15
CA ALA C 19 9.03 31.58 -0.95
C ALA C 19 7.72 30.83 -1.25
N VAL C 20 6.60 31.38 -0.79
CA VAL C 20 5.27 30.79 -1.03
C VAL C 20 4.94 30.76 -2.52
N GLU C 21 5.18 31.88 -3.20
CA GLU C 21 4.85 32.03 -4.61
C GLU C 21 5.69 31.09 -5.47
N SER C 22 6.90 30.79 -4.98
CA SER C 22 7.81 29.89 -5.65
C SER C 22 7.35 28.44 -5.50
N ILE C 23 6.99 28.06 -4.27
CA ILE C 23 6.44 26.74 -3.99
C ILE C 23 5.21 26.54 -4.86
N ARG C 24 4.32 27.55 -4.86
CA ARG C 24 3.08 27.47 -5.64
C ARG C 24 3.37 27.22 -7.12
N LYS C 25 4.34 27.94 -7.67
CA LYS C 25 4.69 27.80 -9.08
C LYS C 25 5.20 26.39 -9.37
N PHE C 26 5.97 25.86 -8.41
CA PHE C 26 6.45 24.48 -8.47
C PHE C 26 5.28 23.49 -8.53
N LEU C 27 4.29 23.68 -7.68
CA LEU C 27 3.09 22.82 -7.67
C LEU C 27 2.29 22.95 -8.96
N ASN C 28 2.24 24.17 -9.51
CA ASN C 28 1.55 24.39 -10.79
C ASN C 28 2.35 23.92 -12.00
N SER C 29 3.63 23.63 -11.80
CA SER C 29 4.50 23.23 -12.91
C SER C 29 4.78 21.73 -12.93
N LYS C 30 4.35 21.05 -11.88
CA LYS C 30 4.59 19.62 -11.73
C LYS C 30 3.26 18.88 -11.80
N THR C 31 3.33 17.60 -12.17
CA THR C 31 2.16 16.73 -12.13
C THR C 31 2.30 15.79 -10.94
N SER C 32 1.21 15.08 -10.64
CA SER C 32 1.22 14.07 -9.57
C SER C 32 2.15 12.94 -9.97
N TYR C 33 2.12 12.60 -11.26
CA TYR C 33 3.01 11.61 -11.86
C TYR C 33 4.50 11.88 -11.55
N ASP C 34 4.89 13.16 -11.51
CA ASP C 34 6.28 13.54 -11.21
C ASP C 34 6.72 13.15 -9.80
N VAL C 35 5.77 13.10 -8.88
CA VAL C 35 6.03 12.74 -7.49
C VAL C 35 6.38 11.24 -7.38
N LEU C 36 5.90 10.46 -8.34
CA LEU C 36 6.17 9.04 -8.37
C LEU C 36 7.66 8.72 -8.47
N PRO C 37 8.11 7.73 -7.68
CA PRO C 37 9.47 7.24 -7.87
C PRO C 37 9.54 6.55 -9.21
N VAL C 38 10.74 6.47 -9.80
CA VAL C 38 10.92 5.86 -11.11
C VAL C 38 10.47 4.38 -11.13
N SER C 39 10.66 3.69 -10.01
CA SER C 39 10.03 2.37 -9.81
C SER C 39 9.52 2.25 -8.38
N TYR C 40 8.34 1.65 -8.22
CA TYR C 40 7.67 1.57 -6.91
C TYR C 40 6.65 0.44 -6.89
N ARG C 41 6.17 0.12 -5.69
CA ARG C 41 5.20 -0.96 -5.47
C ARG C 41 3.77 -0.44 -5.21
N LEU C 42 2.79 -1.08 -5.84
CA LEU C 42 1.39 -0.85 -5.53
C LEU C 42 0.76 -2.15 -5.00
N ILE C 43 0.27 -2.09 -3.77
CA ILE C 43 -0.36 -3.23 -3.11
C ILE C 43 -1.87 -3.12 -3.14
N VAL C 44 -2.50 -4.07 -3.82
CA VAL C 44 -3.93 -4.09 -3.98
C VAL C 44 -4.49 -5.37 -3.38
N LEU C 45 -5.64 -5.25 -2.73
CA LEU C 45 -6.27 -6.37 -2.06
C LEU C 45 -7.58 -6.73 -2.75
N ASP C 46 -7.74 -8.01 -3.05
CA ASP C 46 -9.01 -8.52 -3.55
C ASP C 46 -10.04 -8.39 -2.44
N THR C 47 -11.25 -7.93 -2.80
CA THR C 47 -12.31 -7.63 -1.83
C THR C 47 -12.84 -8.84 -1.08
N SER C 48 -12.52 -10.05 -1.55
CA SER C 48 -12.98 -11.26 -0.88
C SER C 48 -12.00 -11.68 0.21
N LEU C 49 -10.88 -10.97 0.32
CA LEU C 49 -9.92 -11.18 1.40
C LEU C 49 -10.58 -10.83 2.74
N LEU C 50 -10.18 -11.55 3.78
CA LEU C 50 -10.66 -11.27 5.12
C LEU C 50 -10.09 -9.95 5.62
N VAL C 51 -10.95 -9.14 6.24
CA VAL C 51 -10.50 -7.92 6.93
C VAL C 51 -9.32 -8.27 7.84
N LYS C 52 -9.49 -9.34 8.61
CA LYS C 52 -8.47 -9.90 9.49
C LYS C 52 -7.11 -9.99 8.80
N LYS C 53 -7.10 -10.61 7.62
CA LYS C 53 -5.86 -10.85 6.88
C LYS C 53 -5.33 -9.61 6.18
N SER C 54 -6.24 -8.74 5.76
CA SER C 54 -5.86 -7.48 5.12
C SER C 54 -5.16 -6.55 6.10
N LEU C 55 -5.52 -6.67 7.37
CA LEU C 55 -4.84 -5.98 8.45
C LEU C 55 -3.37 -6.39 8.57
N ASN C 56 -3.11 -7.70 8.48
CA ASN C 56 -1.74 -8.23 8.51
C ASN C 56 -0.93 -7.77 7.31
N VAL C 57 -1.57 -7.73 6.15
CA VAL C 57 -0.93 -7.24 4.92
C VAL C 57 -0.42 -5.81 5.11
N LEU C 58 -1.27 -4.94 5.64
CA LEU C 58 -0.90 -3.54 5.86
C LEU C 58 0.27 -3.40 6.81
N LEU C 59 0.23 -4.15 7.92
CA LEU C 59 1.26 -4.11 8.94
C LEU C 59 2.60 -4.71 8.49
N GLN C 60 2.53 -5.80 7.71
CA GLN C 60 3.73 -6.44 7.18
C GLN C 60 4.48 -5.51 6.23
N ASN C 61 3.74 -4.79 5.39
CA ASN C 61 4.31 -3.92 4.38
C ASN C 61 4.42 -2.46 4.77
N SER C 62 4.33 -2.17 6.07
CA SER C 62 4.45 -0.80 6.59
C SER C 62 3.58 0.21 5.85
N ILE C 63 2.36 -0.19 5.50
CA ILE C 63 1.38 0.74 4.93
C ILE C 63 0.14 0.86 5.81
N VAL C 64 -0.67 1.89 5.53
CA VAL C 64 -1.87 2.17 6.31
C VAL C 64 -3.09 2.29 5.39
N SER C 65 -2.87 2.00 4.11
CA SER C 65 -3.90 2.09 3.08
C SER C 65 -3.60 1.14 1.91
N ALA C 66 -4.64 0.72 1.21
CA ALA C 66 -4.51 -0.16 0.05
C ALA C 66 -5.76 -0.12 -0.82
N PRO C 67 -5.59 0.10 -2.13
CA PRO C 67 -6.74 0.03 -3.03
C PRO C 67 -7.39 -1.35 -3.03
N LEU C 68 -8.68 -1.39 -3.32
CA LEU C 68 -9.44 -2.63 -3.31
C LEU C 68 -9.89 -2.98 -4.72
N TRP C 69 -9.90 -4.28 -5.01
CA TRP C 69 -10.19 -4.78 -6.34
C TRP C 69 -11.27 -5.85 -6.27
N ASP C 70 -12.33 -5.66 -7.05
CA ASP C 70 -13.40 -6.65 -7.16
C ASP C 70 -13.13 -7.55 -8.36
N SER C 71 -12.76 -8.79 -8.09
CA SER C 71 -12.42 -9.75 -9.14
C SER C 71 -13.61 -10.21 -9.95
N LYS C 72 -14.80 -10.17 -9.36
CA LYS C 72 -16.02 -10.56 -10.07
C LYS C 72 -16.42 -9.54 -11.13
N THR C 73 -16.24 -8.25 -10.84
CA THR C 73 -16.65 -7.17 -11.75
C THR C 73 -15.50 -6.51 -12.50
N SER C 74 -14.26 -6.87 -12.14
CA SER C 74 -13.03 -6.23 -12.67
C SER C 74 -12.94 -4.73 -12.41
N ARG C 75 -13.48 -4.31 -11.27
CA ARG C 75 -13.49 -2.90 -10.92
C ARG C 75 -12.71 -2.67 -9.64
N PHE C 76 -12.16 -1.47 -9.51
CA PHE C 76 -11.62 -1.03 -8.23
C PHE C 76 -12.78 -0.59 -7.34
N ALA C 77 -12.61 -0.81 -6.04
CA ALA C 77 -13.71 -0.64 -5.09
C ALA C 77 -13.34 0.22 -3.89
N GLY C 78 -12.61 1.30 -4.15
CA GLY C 78 -12.21 2.24 -3.11
C GLY C 78 -10.96 1.81 -2.36
N LEU C 79 -10.64 2.53 -1.30
CA LEU C 79 -9.44 2.29 -0.51
C LEU C 79 -9.77 1.73 0.86
N LEU C 80 -8.96 0.77 1.31
CA LEU C 80 -8.99 0.36 2.70
C LEU C 80 -8.16 1.35 3.49
N THR C 81 -8.77 1.92 4.53
CA THR C 81 -8.09 2.84 5.45
C THR C 81 -8.45 2.53 6.89
N THR C 82 -7.80 3.24 7.82
CA THR C 82 -8.04 3.06 9.25
C THR C 82 -9.52 3.28 9.63
N THR C 83 -10.21 4.12 8.88
CA THR C 83 -11.65 4.36 9.05
C THR C 83 -12.46 3.07 9.00
N ASP C 84 -12.18 2.25 7.99
CA ASP C 84 -12.83 0.95 7.86
C ASP C 84 -12.65 0.09 9.09
N PHE C 85 -11.45 0.13 9.66
CA PHE C 85 -11.16 -0.61 10.88
C PHE C 85 -11.83 0.01 12.12
N ILE C 86 -11.97 1.35 12.14
CA ILE C 86 -12.77 2.03 13.16
C ILE C 86 -14.19 1.46 13.13
N ASN C 87 -14.78 1.38 11.95
CA ASN C 87 -16.14 0.88 11.76
C ASN C 87 -16.33 -0.52 12.30
N VAL C 88 -15.38 -1.40 12.01
CA VAL C 88 -15.38 -2.78 12.51
C VAL C 88 -15.32 -2.81 14.04
N ILE C 89 -14.45 -2.00 14.62
CA ILE C 89 -14.33 -1.89 16.08
C ILE C 89 -15.66 -1.42 16.69
N GLN C 90 -16.22 -0.36 16.12
CA GLN C 90 -17.46 0.22 16.61
C GLN C 90 -18.62 -0.75 16.47
N TYR C 91 -18.68 -1.45 15.34
CA TYR C 91 -19.69 -2.49 15.14
C TYR C 91 -19.56 -3.60 16.17
N TYR C 92 -18.34 -4.07 16.39
CA TYR C 92 -18.10 -5.16 17.34
C TYR C 92 -18.46 -4.74 18.76
N PHE C 93 -18.05 -3.54 19.16
CA PHE C 93 -18.32 -3.03 20.51
C PHE C 93 -19.82 -2.97 20.80
N SER C 94 -20.58 -2.51 19.81
CA SER C 94 -22.02 -2.43 19.86
C SER C 94 -22.69 -3.79 19.73
N ASN C 95 -22.00 -4.73 19.08
CA ASN C 95 -22.55 -6.05 18.83
C ASN C 95 -21.61 -7.18 19.26
N PRO C 96 -21.19 -7.19 20.54
CA PRO C 96 -20.17 -8.16 20.98
C PRO C 96 -20.58 -9.62 20.80
N ASP C 97 -21.87 -9.86 20.52
CA ASP C 97 -22.37 -11.19 20.22
C ASP C 97 -21.92 -11.68 18.83
N LYS C 98 -21.58 -10.74 17.94
CA LYS C 98 -21.30 -11.05 16.55
C LYS C 98 -19.81 -11.28 16.28
N PHE C 99 -19.08 -11.77 17.30
CA PHE C 99 -17.64 -12.02 17.20
C PHE C 99 -17.27 -12.89 16.01
N GLU C 100 -18.08 -13.93 15.76
CA GLU C 100 -17.86 -14.86 14.65
C GLU C 100 -17.99 -14.17 13.30
N LEU C 101 -19.02 -13.36 13.14
CA LEU C 101 -19.23 -12.61 11.90
C LEU C 101 -18.06 -11.66 11.63
N VAL C 102 -17.63 -10.95 12.68
CA VAL C 102 -16.52 -10.01 12.58
C VAL C 102 -15.21 -10.73 12.23
N ASP C 103 -15.02 -11.92 12.81
CA ASP C 103 -13.83 -12.70 12.56
C ASP C 103 -13.76 -13.17 11.11
N LYS C 104 -14.91 -13.51 10.54
CA LYS C 104 -15.00 -14.04 9.18
C LYS C 104 -15.39 -12.95 8.17
N LEU C 105 -15.40 -11.70 8.62
CA LEU C 105 -15.75 -10.59 7.76
C LEU C 105 -14.78 -10.42 6.60
N GLN C 106 -15.33 -10.32 5.40
CA GLN C 106 -14.56 -10.07 4.20
C GLN C 106 -14.65 -8.59 3.88
N LEU C 107 -13.69 -8.10 3.08
CA LEU C 107 -13.66 -6.68 2.71
C LEU C 107 -14.91 -6.23 1.96
N ASP C 108 -15.53 -7.13 1.21
CA ASP C 108 -16.79 -6.81 0.53
C ASP C 108 -17.99 -6.81 1.49
N GLY C 109 -17.79 -7.31 2.70
CA GLY C 109 -18.81 -7.24 3.75
C GLY C 109 -18.77 -5.95 4.55
N LEU C 110 -17.79 -5.09 4.25
CA LEU C 110 -17.57 -3.85 4.96
C LEU C 110 -18.73 -2.89 4.82
N LYS C 111 -19.39 -2.93 3.66
CA LYS C 111 -20.54 -2.07 3.36
C LYS C 111 -21.77 -2.40 4.22
N ASP C 112 -21.92 -3.66 4.59
CA ASP C 112 -23.02 -4.08 5.46
C ASP C 112 -22.80 -3.62 6.89
N ILE C 113 -21.54 -3.60 7.31
CA ILE C 113 -21.15 -3.10 8.62
C ILE C 113 -21.50 -1.62 8.72
N GLU C 114 -21.23 -0.89 7.64
CA GLU C 114 -21.50 0.54 7.54
C GLU C 114 -22.98 0.85 7.63
N ARG C 115 -23.79 0.01 6.97
CA ARG C 115 -25.25 0.12 7.02
C ARG C 115 -25.78 -0.10 8.44
N ALA C 116 -25.30 -1.16 9.11
CA ALA C 116 -25.69 -1.46 10.48
C ALA C 116 -25.36 -0.33 11.47
N LEU C 117 -24.27 0.38 11.19
CA LEU C 117 -23.84 1.51 12.02
C LEU C 117 -24.48 2.82 11.57
N GLY C 118 -24.97 2.85 10.34
CA GLY C 118 -25.59 4.05 9.77
C GLY C 118 -24.62 5.16 9.41
N VAL C 119 -23.40 4.79 9.01
CA VAL C 119 -22.39 5.78 8.62
C VAL C 119 -22.29 5.96 7.11
N ASP C 120 -22.04 7.20 6.68
CA ASP C 120 -21.86 7.51 5.27
C ASP C 120 -20.37 7.54 4.92
N THR C 124 -14.93 9.54 -2.21
CA THR C 124 -13.56 9.23 -2.59
C THR C 124 -13.10 10.07 -3.78
N ALA C 125 -12.15 10.98 -3.54
CA ALA C 125 -11.54 11.73 -4.64
C ALA C 125 -10.51 10.86 -5.36
N SER C 126 -10.25 11.19 -6.62
CA SER C 126 -9.19 10.60 -7.40
C SER C 126 -8.66 11.67 -8.33
N ILE C 127 -7.50 11.43 -8.95
CA ILE C 127 -7.00 12.34 -9.96
C ILE C 127 -6.17 11.64 -11.03
N HIS C 128 -6.34 12.13 -12.26
CA HIS C 128 -5.54 11.71 -13.40
C HIS C 128 -4.10 12.17 -13.14
N PRO C 129 -3.14 11.21 -13.14
CA PRO C 129 -1.75 11.49 -12.79
C PRO C 129 -1.12 12.66 -13.56
N SER C 130 -1.51 12.83 -14.81
CA SER C 130 -0.99 13.88 -15.67
C SER C 130 -1.43 15.29 -15.26
N ARG C 131 -2.43 15.39 -14.38
CA ARG C 131 -2.96 16.69 -13.96
C ARG C 131 -1.95 17.41 -13.07
N PRO C 132 -1.98 18.77 -13.05
CA PRO C 132 -1.08 19.53 -12.19
C PRO C 132 -1.13 19.05 -10.74
N LEU C 133 0.03 19.00 -10.10
CA LEU C 133 0.13 18.60 -8.70
C LEU C 133 -0.65 19.54 -7.77
N PHE C 134 -0.66 20.82 -8.09
CA PHE C 134 -1.43 21.81 -7.35
C PHE C 134 -2.90 21.38 -7.27
N GLU C 135 -3.41 20.90 -8.39
CA GLU C 135 -4.79 20.50 -8.54
C GLU C 135 -5.05 19.24 -7.72
N ALA C 136 -4.05 18.37 -7.63
CA ALA C 136 -4.10 17.18 -6.79
C ALA C 136 -4.12 17.54 -5.32
N CYS C 137 -3.39 18.60 -4.96
CA CYS C 137 -3.39 19.11 -3.60
C CYS C 137 -4.76 19.67 -3.23
N LEU C 138 -5.33 20.49 -4.10
CA LEU C 138 -6.66 21.06 -3.90
C LEU C 138 -7.73 19.99 -3.68
N LYS C 139 -7.79 19.02 -4.58
CA LYS C 139 -8.81 17.97 -4.52
C LYS C 139 -8.69 17.16 -3.24
N MET C 140 -7.46 16.87 -2.84
CA MET C 140 -7.22 16.11 -1.62
C MET C 140 -7.68 16.86 -0.38
N LEU C 141 -7.32 18.14 -0.29
CA LEU C 141 -7.76 19.01 0.80
C LEU C 141 -9.27 18.99 0.98
N GLU C 142 -9.98 19.25 -0.12
CA GLU C 142 -11.43 19.44 -0.08
C GLU C 142 -12.22 18.13 -0.02
N SER C 143 -11.57 17.02 -0.35
CA SER C 143 -12.17 15.70 -0.14
C SER C 143 -12.08 15.31 1.34
N ARG C 144 -11.42 16.16 2.13
CA ARG C 144 -11.13 15.90 3.54
C ARG C 144 -10.54 14.50 3.72
N SER C 145 -9.39 14.30 3.08
CA SER C 145 -8.66 13.04 3.12
C SER C 145 -7.18 13.36 3.10
N GLY C 146 -6.37 12.48 3.69
CA GLY C 146 -4.92 12.64 3.68
C GLY C 146 -4.25 11.93 2.51
N ARG C 147 -5.07 11.35 1.64
CA ARG C 147 -4.62 10.55 0.51
C ARG C 147 -5.46 10.82 -0.74
N ILE C 148 -4.83 10.65 -1.90
CA ILE C 148 -5.56 10.65 -3.16
C ILE C 148 -5.04 9.55 -4.09
N PRO C 149 -5.93 8.63 -4.49
CA PRO C 149 -5.60 7.63 -5.50
C PRO C 149 -5.31 8.30 -6.84
N LEU C 150 -4.25 7.85 -7.51
CA LEU C 150 -3.95 8.28 -8.87
C LEU C 150 -4.56 7.26 -9.83
N ILE C 151 -5.61 7.69 -10.54
CA ILE C 151 -6.36 6.81 -11.43
C ILE C 151 -6.23 7.25 -12.87
N ASP C 152 -5.90 6.30 -13.74
CA ASP C 152 -5.88 6.51 -15.18
C ASP C 152 -6.85 5.54 -15.88
N GLN C 153 -6.85 5.55 -17.20
CA GLN C 153 -7.69 4.68 -18.00
C GLN C 153 -6.83 3.62 -18.69
N ASP C 154 -7.23 2.36 -18.57
CA ASP C 154 -6.56 1.25 -19.25
C ASP C 154 -6.74 1.41 -20.75
N GLU C 155 -5.62 1.37 -21.49
CA GLU C 155 -5.64 1.62 -22.93
C GLU C 155 -6.45 0.57 -23.69
N GLU C 156 -6.49 -0.65 -23.17
CA GLU C 156 -7.21 -1.75 -23.80
C GLU C 156 -8.67 -1.87 -23.33
N THR C 157 -8.88 -2.17 -22.05
CA THR C 157 -10.22 -2.43 -21.50
C THR C 157 -11.12 -1.20 -21.34
N HIS C 158 -10.52 0.00 -21.40
CA HIS C 158 -11.24 1.26 -21.13
C HIS C 158 -11.78 1.29 -19.70
N ARG C 159 -10.92 0.89 -18.75
CA ARG C 159 -11.31 0.71 -17.36
C ARG C 159 -10.46 1.61 -16.44
N GLU C 160 -11.04 2.04 -15.34
CA GLU C 160 -10.35 2.89 -14.37
C GLU C 160 -9.29 2.09 -13.63
N ILE C 161 -8.05 2.56 -13.67
CA ILE C 161 -6.93 1.85 -13.07
C ILE C 161 -6.15 2.69 -12.05
N VAL C 162 -5.94 2.11 -10.87
CA VAL C 162 -5.11 2.74 -9.86
C VAL C 162 -3.64 2.65 -10.26
N VAL C 163 -3.02 3.81 -10.44
CA VAL C 163 -1.60 3.91 -10.77
C VAL C 163 -0.80 3.93 -9.49
N SER C 164 -1.28 4.70 -8.52
CA SER C 164 -0.65 4.82 -7.21
C SER C 164 -1.60 5.52 -6.22
N VAL C 165 -1.18 5.60 -4.96
CA VAL C 165 -1.88 6.43 -4.00
C VAL C 165 -0.93 7.52 -3.52
N LEU C 166 -1.34 8.77 -3.67
CA LEU C 166 -0.50 9.90 -3.26
C LEU C 166 -0.97 10.47 -1.94
N THR C 167 -0.06 10.55 -0.98
CA THR C 167 -0.34 11.11 0.35
C THR C 167 0.12 12.57 0.49
N GLN C 168 -0.51 13.28 1.42
CA GLN C 168 -0.08 14.63 1.81
C GLN C 168 1.39 14.67 2.20
N TYR C 169 1.80 13.71 3.03
CA TYR C 169 3.19 13.69 3.50
C TYR C 169 4.18 13.62 2.34
N ARG C 170 3.92 12.75 1.38
CA ARG C 170 4.82 12.55 0.27
C ARG C 170 4.87 13.79 -0.61
N ILE C 171 3.71 14.42 -0.81
CA ILE C 171 3.64 15.66 -1.58
C ILE C 171 4.46 16.75 -0.90
N LEU C 172 4.24 16.93 0.40
CA LEU C 172 4.98 17.94 1.15
C LEU C 172 6.48 17.64 1.21
N LYS C 173 6.85 16.36 1.27
CA LYS C 173 8.25 15.97 1.26
C LYS C 173 8.88 16.28 -0.10
N PHE C 174 8.13 16.02 -1.17
CA PHE C 174 8.53 16.28 -2.54
C PHE C 174 8.79 17.77 -2.76
N VAL C 175 7.88 18.61 -2.27
CA VAL C 175 8.08 20.05 -2.24
C VAL C 175 9.35 20.39 -1.47
N ALA C 176 9.45 19.88 -0.23
CA ALA C 176 10.56 20.20 0.65
C ALA C 176 11.90 19.86 0.01
N LEU C 177 11.99 18.66 -0.56
CA LEU C 177 13.22 18.16 -1.19
C LEU C 177 13.67 19.02 -2.38
N ASN C 178 12.73 19.39 -3.24
CA ASN C 178 13.03 20.14 -4.46
C ASN C 178 13.16 21.64 -4.26
N CYS C 179 12.55 22.16 -3.19
CA CYS C 179 12.47 23.60 -2.99
C CYS C 179 13.04 24.05 -1.67
N ARG C 180 14.33 24.36 -1.67
CA ARG C 180 15.00 24.80 -0.44
C ARG C 180 14.62 26.22 -0.05
N GLU C 181 13.80 26.87 -0.88
CA GLU C 181 13.25 28.18 -0.56
C GLU C 181 12.39 28.12 0.70
N THR C 182 11.98 26.92 1.09
CA THR C 182 11.23 26.75 2.33
C THR C 182 11.97 27.42 3.49
N HIS C 183 13.29 27.47 3.41
CA HIS C 183 14.11 28.16 4.41
C HIS C 183 13.68 29.61 4.66
N PHE C 184 13.16 30.27 3.63
CA PHE C 184 12.77 31.68 3.75
C PHE C 184 11.33 31.91 4.22
N LEU C 185 10.69 30.84 4.71
CA LEU C 185 9.39 30.93 5.35
C LEU C 185 9.58 31.19 6.85
N LYS C 186 10.03 32.40 7.18
CA LYS C 186 10.45 32.73 8.53
C LYS C 186 9.40 33.38 9.43
N ILE C 187 8.17 33.53 8.94
CA ILE C 187 7.10 34.09 9.77
C ILE C 187 6.63 33.05 10.78
N PRO C 188 6.65 33.40 12.08
CA PRO C 188 6.14 32.47 13.08
C PRO C 188 4.71 32.04 12.75
N ILE C 189 4.44 30.75 12.90
CA ILE C 189 3.13 30.17 12.58
C ILE C 189 1.98 30.80 13.37
N GLY C 190 2.30 31.31 14.57
CA GLY C 190 1.34 32.06 15.38
C GLY C 190 0.80 33.30 14.70
N ASP C 191 1.63 33.96 13.90
CA ASP C 191 1.23 35.14 13.14
C ASP C 191 0.54 34.83 11.80
N LEU C 192 0.45 33.55 11.44
CA LEU C 192 -0.08 33.14 10.14
C LEU C 192 -1.55 32.71 10.17
N ASN C 193 -2.08 32.52 11.37
CA ASN C 193 -3.48 32.11 11.56
C ASN C 193 -3.82 30.85 10.75
N ILE C 194 -3.06 29.79 11.00
CA ILE C 194 -3.25 28.51 10.31
C ILE C 194 -3.33 27.33 11.27
N ILE C 195 -3.05 27.59 12.54
CA ILE C 195 -3.20 26.59 13.60
C ILE C 195 -4.67 26.54 14.00
N THR C 196 -5.19 25.34 14.22
CA THR C 196 -6.51 25.24 14.84
C THR C 196 -6.34 25.26 16.35
N GLN C 197 -6.97 26.26 16.97
CA GLN C 197 -6.93 26.43 18.42
C GLN C 197 -8.27 26.11 19.02
N ASP C 198 -9.33 26.51 18.31
CA ASP C 198 -10.70 26.44 18.81
C ASP C 198 -11.25 25.03 18.79
N ASN C 199 -11.93 24.67 19.87
CA ASN C 199 -12.64 23.39 19.99
C ASN C 199 -11.74 22.19 19.72
N MET C 200 -10.63 22.14 20.45
CA MET C 200 -9.74 20.99 20.43
C MET C 200 -10.44 19.80 21.07
N LYS C 201 -10.60 18.74 20.29
CA LYS C 201 -11.09 17.48 20.83
C LYS C 201 -9.92 16.77 21.49
N SER C 202 -10.04 16.51 22.79
CA SER C 202 -8.98 15.87 23.56
C SER C 202 -9.55 14.89 24.59
N CYS C 203 -8.66 14.13 25.22
CA CYS C 203 -9.04 13.18 26.25
C CYS C 203 -7.92 13.05 27.27
N GLN C 204 -8.14 12.20 28.27
CA GLN C 204 -7.13 11.95 29.32
C GLN C 204 -6.71 10.49 29.28
N MET C 205 -5.67 10.13 30.04
CA MET C 205 -5.14 8.76 30.04
C MET C 205 -6.14 7.69 30.46
N THR C 206 -7.10 8.07 31.30
CA THR C 206 -8.09 7.14 31.82
C THR C 206 -9.34 7.04 30.94
N THR C 207 -9.44 7.88 29.91
CA THR C 207 -10.53 7.79 28.95
C THR C 207 -10.50 6.44 28.23
N PRO C 208 -11.65 5.72 28.20
CA PRO C 208 -11.67 4.42 27.50
C PRO C 208 -11.33 4.59 26.03
N VAL C 209 -10.43 3.75 25.53
CA VAL C 209 -9.98 3.81 24.14
C VAL C 209 -11.15 3.84 23.14
N ILE C 210 -12.22 3.12 23.47
CA ILE C 210 -13.42 3.06 22.63
C ILE C 210 -14.06 4.44 22.44
N ASP C 211 -14.00 5.26 23.48
CA ASP C 211 -14.57 6.61 23.44
C ASP C 211 -13.67 7.55 22.64
N VAL C 212 -12.36 7.32 22.72
CA VAL C 212 -11.39 8.06 21.93
C VAL C 212 -11.57 7.74 20.45
N ILE C 213 -11.77 6.45 20.15
CA ILE C 213 -12.09 5.99 18.80
C ILE C 213 -13.38 6.67 18.31
N GLN C 214 -14.38 6.73 19.19
CA GLN C 214 -15.62 7.45 18.90
C GLN C 214 -15.33 8.91 18.53
N MET C 215 -14.42 9.54 19.28
CA MET C 215 -13.99 10.93 19.00
C MET C 215 -13.35 11.07 17.63
N LEU C 216 -12.56 10.07 17.22
CA LEU C 216 -11.90 10.08 15.93
C LEU C 216 -12.87 10.23 14.76
N THR C 217 -13.91 9.38 14.71
CA THR C 217 -14.92 9.47 13.64
C THR C 217 -15.90 10.61 13.83
N GLN C 218 -16.20 10.94 15.09
CA GLN C 218 -17.09 12.05 15.42
C GLN C 218 -16.52 13.39 14.95
N GLY C 219 -15.22 13.60 15.17
CA GLY C 219 -14.56 14.84 14.78
C GLY C 219 -13.96 14.82 13.37
N ARG C 220 -13.92 13.63 12.78
CA ARG C 220 -13.28 13.42 11.47
C ARG C 220 -11.81 13.89 11.50
N VAL C 221 -11.07 13.42 12.49
CA VAL C 221 -9.68 13.80 12.70
C VAL C 221 -8.77 12.57 12.81
N SER C 222 -7.49 12.75 12.48
CA SER C 222 -6.52 11.66 12.48
C SER C 222 -6.03 11.27 13.87
N SER C 223 -6.15 12.18 14.83
CA SER C 223 -5.65 11.92 16.17
C SER C 223 -6.38 12.69 17.27
N VAL C 224 -6.27 12.18 18.49
CA VAL C 224 -6.80 12.83 19.68
C VAL C 224 -5.66 13.04 20.67
N PRO C 225 -5.36 14.32 20.98
CA PRO C 225 -4.36 14.68 21.97
C PRO C 225 -4.76 14.26 23.38
N ILE C 226 -3.80 13.75 24.15
CA ILE C 226 -4.07 13.29 25.50
C ILE C 226 -3.42 14.23 26.50
N ILE C 227 -4.27 14.91 27.27
CA ILE C 227 -3.81 15.87 28.26
C ILE C 227 -4.05 15.36 29.68
N ASP C 228 -3.45 16.04 30.65
CA ASP C 228 -3.67 15.75 32.06
C ASP C 228 -4.65 16.76 32.63
N GLU C 229 -4.92 16.66 33.93
CA GLU C 229 -5.88 17.56 34.60
C GLU C 229 -5.63 19.03 34.31
N ASN C 230 -4.35 19.40 34.19
CA ASN C 230 -3.95 20.81 34.04
C ASN C 230 -3.66 21.25 32.61
N GLY C 231 -4.05 20.41 31.65
CA GLY C 231 -3.95 20.76 30.23
C GLY C 231 -2.60 20.53 29.60
N TYR C 232 -1.72 19.81 30.31
CA TYR C 232 -0.41 19.45 29.75
C TYR C 232 -0.55 18.28 28.77
N LEU C 233 0.04 18.45 27.59
CA LEU C 233 0.05 17.40 26.57
C LEU C 233 0.95 16.25 27.00
N ILE C 234 0.38 15.07 27.13
CA ILE C 234 1.10 13.89 27.61
C ILE C 234 1.38 12.92 26.46
N ASN C 235 0.37 12.66 25.65
CA ASN C 235 0.52 11.73 24.53
C ASN C 235 -0.56 12.02 23.49
N VAL C 236 -0.69 11.14 22.51
CA VAL C 236 -1.69 11.27 21.45
C VAL C 236 -2.21 9.91 21.05
N TYR C 237 -3.50 9.84 20.71
CA TYR C 237 -4.04 8.64 20.11
C TYR C 237 -4.38 8.87 18.66
N GLU C 238 -3.69 8.13 17.79
CA GLU C 238 -3.87 8.23 16.35
C GLU C 238 -4.80 7.12 15.88
N ALA C 239 -5.53 7.38 14.80
CA ALA C 239 -6.27 6.35 14.09
C ALA C 239 -5.37 5.18 13.69
N TYR C 240 -4.11 5.48 13.36
CA TYR C 240 -3.13 4.43 13.00
C TYR C 240 -3.04 3.37 14.09
N ASP C 241 -3.09 3.81 15.35
CA ASP C 241 -3.00 2.93 16.52
C ASP C 241 -4.09 1.86 16.57
N VAL C 242 -5.21 2.12 15.91
CA VAL C 242 -6.32 1.19 15.87
C VAL C 242 -5.95 -0.14 15.21
N LEU C 243 -5.09 -0.09 14.18
CA LEU C 243 -4.53 -1.29 13.57
C LEU C 243 -3.83 -2.15 14.62
N GLY C 244 -2.94 -1.54 15.40
CA GLY C 244 -2.27 -2.22 16.50
C GLY C 244 -3.24 -2.78 17.52
N LEU C 245 -4.32 -2.04 17.77
CA LEU C 245 -5.33 -2.44 18.74
C LEU C 245 -6.12 -3.69 18.30
N ILE C 246 -6.46 -3.76 17.02
CA ILE C 246 -7.25 -4.87 16.48
C ILE C 246 -6.38 -6.11 16.18
N LYS C 247 -5.08 -5.88 16.01
CA LYS C 247 -4.13 -6.93 15.64
C LYS C 247 -4.21 -8.18 16.53
N GLY C 248 -4.37 -9.33 15.88
CA GLY C 248 -4.43 -10.62 16.57
C GLY C 248 -5.77 -10.90 17.23
N GLY C 249 -6.77 -10.09 16.90
CA GLY C 249 -8.10 -10.22 17.49
C GLY C 249 -8.11 -9.80 18.95
N ILE C 250 -8.85 -8.74 19.25
CA ILE C 250 -8.94 -8.25 20.63
C ILE C 250 -10.39 -8.06 21.09
N TYR C 251 -10.67 -8.54 22.30
CA TYR C 251 -12.01 -8.52 22.87
C TYR C 251 -11.97 -7.97 24.29
N ASN C 252 -11.09 -8.53 25.13
CA ASN C 252 -10.89 -8.02 26.49
C ASN C 252 -10.28 -6.62 26.46
N ASP C 253 -9.50 -6.34 25.40
CA ASP C 253 -8.83 -5.05 25.24
C ASP C 253 -9.68 -4.01 24.49
N LEU C 254 -11.00 -4.08 24.65
CA LEU C 254 -11.88 -3.05 24.06
C LEU C 254 -12.26 -1.97 25.06
N SER C 255 -12.68 -2.36 26.26
CA SER C 255 -13.11 -1.42 27.29
C SER C 255 -11.90 -0.83 28.04
N LEU C 256 -10.70 -1.27 27.65
CA LEU C 256 -9.43 -0.73 28.12
C LEU C 256 -9.34 0.80 28.01
N SER C 257 -8.54 1.41 28.88
CA SER C 257 -8.26 2.84 28.82
C SER C 257 -7.23 3.13 27.74
N VAL C 258 -7.30 4.31 27.14
CA VAL C 258 -6.33 4.74 26.13
C VAL C 258 -4.88 4.55 26.60
N GLY C 259 -4.60 4.93 27.85
CA GLY C 259 -3.30 4.71 28.47
C GLY C 259 -2.85 3.26 28.39
N GLU C 260 -3.76 2.35 28.71
CA GLU C 260 -3.50 0.91 28.60
C GLU C 260 -3.32 0.50 27.14
N ALA C 261 -4.23 0.94 26.28
CA ALA C 261 -4.17 0.62 24.85
C ALA C 261 -2.86 1.04 24.20
N LEU C 262 -2.28 2.13 24.70
CA LEU C 262 -1.03 2.67 24.15
C LEU C 262 0.20 1.79 24.39
N MET C 263 0.08 0.81 25.28
CA MET C 263 1.16 -0.15 25.51
C MET C 263 1.32 -1.11 24.33
N ARG C 264 0.25 -1.25 23.53
CA ARG C 264 0.33 -2.05 22.30
C ARG C 264 1.23 -1.41 21.25
N ARG C 265 1.47 -0.10 21.38
CA ARG C 265 2.35 0.63 20.47
C ARG C 265 3.71 -0.04 20.35
N SER C 266 4.12 -0.21 19.10
CA SER C 266 5.41 -0.79 18.77
C SER C 266 6.55 0.08 19.29
N ASP C 267 7.69 -0.55 19.59
CA ASP C 267 8.84 0.19 20.12
C ASP C 267 9.48 1.16 19.12
N ASP C 268 9.27 0.91 17.83
CA ASP C 268 9.76 1.80 16.78
C ASP C 268 8.79 2.96 16.48
N PHE C 269 7.80 3.16 17.35
CA PHE C 269 6.94 4.33 17.26
C PHE C 269 7.80 5.59 17.31
N GLU C 270 7.66 6.42 16.29
CA GLU C 270 8.58 7.52 16.06
C GLU C 270 8.39 8.70 17.00
N GLY C 271 7.24 8.74 17.67
CA GLY C 271 6.96 9.78 18.64
C GLY C 271 5.98 10.83 18.14
N VAL C 272 5.64 11.75 19.03
CA VAL C 272 4.70 12.83 18.73
C VAL C 272 5.49 14.12 18.65
N TYR C 273 5.23 14.90 17.60
CA TYR C 273 5.93 16.15 17.41
C TYR C 273 5.17 17.33 18.00
N THR C 274 5.94 18.20 18.65
CA THR C 274 5.40 19.40 19.26
C THR C 274 6.15 20.60 18.70
N CYS C 275 5.51 21.76 18.78
CA CYS C 275 6.16 23.03 18.46
C CYS C 275 5.45 24.12 19.24
N THR C 276 5.94 25.35 19.14
CA THR C 276 5.25 26.52 19.71
C THR C 276 4.82 27.47 18.60
N LYS C 277 4.11 28.52 18.98
CA LYS C 277 3.63 29.55 18.03
C LYS C 277 4.77 30.29 17.36
N ASN C 278 5.94 30.26 17.98
CA ASN C 278 7.09 30.99 17.48
C ASN C 278 7.93 30.18 16.51
N ASP C 279 7.54 28.94 16.30
CA ASP C 279 8.19 28.14 15.27
C ASP C 279 7.80 28.57 13.87
N LYS C 280 8.71 28.35 12.93
CA LYS C 280 8.58 28.85 11.58
C LYS C 280 8.32 27.66 10.66
N LEU C 281 7.69 27.92 9.52
CA LEU C 281 7.41 26.87 8.56
C LEU C 281 8.69 26.32 7.94
N SER C 282 9.72 27.17 7.87
CA SER C 282 11.05 26.75 7.45
C SER C 282 11.51 25.53 8.23
N THR C 283 11.46 25.63 9.56
CA THR C 283 11.79 24.52 10.45
C THR C 283 10.85 23.34 10.23
N ILE C 284 9.56 23.66 10.08
CA ILE C 284 8.52 22.63 9.91
C ILE C 284 8.80 21.79 8.67
N MET C 285 9.14 22.46 7.58
CA MET C 285 9.47 21.77 6.33
C MET C 285 10.77 20.99 6.47
N ASP C 286 11.73 21.53 7.24
CA ASP C 286 12.97 20.81 7.57
C ASP C 286 12.68 19.46 8.21
N ASN C 287 11.75 19.45 9.16
CA ASN C 287 11.34 18.23 9.83
C ASN C 287 10.63 17.26 8.89
N ILE C 288 9.71 17.76 8.07
CA ILE C 288 9.00 16.94 7.08
C ILE C 288 9.99 16.30 6.11
N ARG C 289 10.99 17.08 5.71
CA ARG C 289 12.04 16.63 4.80
C ARG C 289 12.88 15.51 5.41
N LYS C 290 13.13 15.57 6.71
CA LYS C 290 14.01 14.60 7.36
C LYS C 290 13.29 13.41 8.01
N ALA C 291 12.00 13.56 8.28
CA ALA C 291 11.25 12.51 8.96
C ALA C 291 9.78 12.53 8.59
N ARG C 292 9.15 11.35 8.69
CA ARG C 292 7.71 11.23 8.49
C ARG C 292 6.98 11.80 9.70
N VAL C 293 6.57 13.06 9.59
CA VAL C 293 5.82 13.75 10.65
C VAL C 293 4.46 14.10 10.07
N HIS C 294 3.39 13.78 10.80
CA HIS C 294 2.04 13.95 10.30
C HIS C 294 1.34 15.18 10.85
N ARG C 295 1.80 15.65 11.99
CA ARG C 295 1.29 16.88 12.58
C ARG C 295 2.24 17.39 13.64
N PHE C 296 2.08 18.66 14.00
CA PHE C 296 2.84 19.26 15.08
C PHE C 296 1.84 19.82 16.07
N PHE C 297 1.84 19.27 17.28
CA PHE C 297 0.99 19.78 18.32
C PHE C 297 1.61 21.02 18.94
N VAL C 298 0.86 22.11 18.88
CA VAL C 298 1.32 23.38 19.39
C VAL C 298 1.13 23.44 20.89
N VAL C 299 2.22 23.64 21.62
CA VAL C 299 2.18 23.81 23.06
C VAL C 299 2.73 25.18 23.42
N ASP C 300 2.57 25.60 24.68
CA ASP C 300 3.13 26.88 25.14
C ASP C 300 4.50 26.68 25.80
N ASP C 301 4.97 27.69 26.54
CA ASP C 301 6.28 27.63 27.21
C ASP C 301 6.44 26.40 28.09
N VAL C 302 5.39 26.03 28.82
CA VAL C 302 5.47 24.96 29.82
C VAL C 302 4.96 23.60 29.34
N GLY C 303 4.50 23.53 28.09
CA GLY C 303 4.08 22.26 27.50
C GLY C 303 2.58 21.98 27.57
N ARG C 304 1.79 23.03 27.73
CA ARG C 304 0.33 22.87 27.69
C ARG C 304 -0.16 22.98 26.24
N LEU C 305 -1.15 22.16 25.90
CA LEU C 305 -1.73 22.14 24.57
C LEU C 305 -2.50 23.41 24.27
N VAL C 306 -2.06 24.15 23.26
CA VAL C 306 -2.80 25.30 22.76
C VAL C 306 -3.49 24.99 21.43
N GLY C 307 -2.91 24.07 20.67
CA GLY C 307 -3.44 23.75 19.35
C GLY C 307 -2.67 22.71 18.56
N VAL C 308 -2.99 22.60 17.27
CA VAL C 308 -2.38 21.61 16.39
C VAL C 308 -2.18 22.18 14.97
N LEU C 309 -1.05 21.81 14.36
CA LEU C 309 -0.76 22.17 12.96
C LEU C 309 -0.54 20.89 12.16
N THR C 310 -1.52 20.52 11.35
CA THR C 310 -1.42 19.28 10.58
C THR C 310 -0.87 19.54 9.19
N LEU C 311 -0.60 18.46 8.46
CA LEU C 311 -0.14 18.54 7.09
C LEU C 311 -1.18 19.22 6.21
N SER C 312 -2.46 18.97 6.50
CA SER C 312 -3.55 19.63 5.77
C SER C 312 -3.58 21.13 6.03
N ASP C 313 -3.20 21.56 7.23
CA ASP C 313 -3.11 23.00 7.52
C ASP C 313 -1.93 23.62 6.78
N ILE C 314 -0.82 22.89 6.73
CA ILE C 314 0.39 23.36 6.09
C ILE C 314 0.15 23.49 4.58
N LEU C 315 -0.46 22.46 4.01
CA LEU C 315 -0.81 22.44 2.60
C LEU C 315 -1.85 23.52 2.25
N LYS C 316 -2.88 23.65 3.09
CA LYS C 316 -3.88 24.71 2.92
C LYS C 316 -3.24 26.09 2.88
N TYR C 317 -2.27 26.34 3.76
CA TYR C 317 -1.57 27.61 3.75
C TYR C 317 -0.79 27.80 2.45
N ILE C 318 -0.10 26.74 2.02
CA ILE C 318 0.71 26.82 0.82
C ILE C 318 -0.16 27.16 -0.41
N LEU C 319 -1.32 26.52 -0.51
CA LEU C 319 -2.22 26.75 -1.64
C LEU C 319 -2.99 28.06 -1.53
N LEU C 320 -3.55 28.33 -0.34
CA LEU C 320 -4.55 29.37 -0.13
C LEU C 320 -4.05 30.62 0.61
N GLY C 321 -3.08 30.45 1.48
CA GLY C 321 -2.55 31.55 2.28
C GLY C 321 -3.20 31.66 3.66
N SER C 322 -3.03 32.81 4.30
CA SER C 322 -3.55 33.05 5.65
C SER C 322 -5.05 33.29 5.66
PA NAI D . -6.30 16.01 10.64
O1A NAI D . -7.08 14.80 10.32
O2A NAI D . -5.59 16.08 11.92
O5B NAI D . -7.22 17.32 10.36
C5B NAI D . -8.30 17.76 11.16
C4B NAI D . -8.46 19.29 11.09
O4B NAI D . -8.85 19.73 12.40
C3B NAI D . -7.17 20.06 10.84
O3B NAI D . -7.48 21.42 10.49
C2B NAI D . -6.47 20.01 12.20
O2B NAI D . -5.67 21.19 12.46
C1B NAI D . -7.64 19.96 13.19
N9A NAI D . -7.48 18.88 14.19
C8A NAI D . -6.70 17.80 14.19
N7A NAI D . -6.90 17.14 15.32
C5A NAI D . -7.82 17.80 16.03
C6A NAI D . -8.39 17.57 17.22
N6A NAI D . -7.99 16.48 17.86
N1A NAI D . -9.30 18.39 17.74
C2A NAI D . -9.70 19.53 17.02
N3A NAI D . -9.10 19.75 15.79
C4A NAI D . -8.18 18.89 15.32
O3 NAI D . -5.27 16.41 9.48
PN NAI D . -4.58 15.37 8.49
O1N NAI D . -4.14 14.22 9.29
O2N NAI D . -3.58 16.16 7.73
O5D NAI D . -5.79 14.85 7.58
C5D NAI D . -6.12 15.38 6.30
C4D NAI D . -7.65 15.25 6.10
O4D NAI D . -8.11 13.94 6.54
C3D NAI D . -8.36 16.28 6.99
O3D NAI D . -9.23 17.07 6.17
C2D NAI D . -9.16 15.42 7.96
O2D NAI D . -10.41 16.04 8.31
C1D NAI D . -9.41 14.18 7.13
N1N NAI D . -9.92 13.05 7.94
C2N NAI D . -11.25 12.63 7.76
C3N NAI D . -11.79 11.57 8.51
C7N NAI D . -13.12 11.18 8.31
O7N NAI D . -13.85 11.81 7.56
N7N NAI D . -13.53 10.10 8.99
C4N NAI D . -10.95 10.93 9.44
C5N NAI D . -9.63 11.33 9.63
C6N NAI D . -9.10 12.39 8.88
#